data_6CCA
#
_entry.id   6CCA
#
_cell.length_a   56.457
_cell.length_b   76.549
_cell.length_c   57.186
_cell.angle_alpha   90.00
_cell.angle_beta   90.51
_cell.angle_gamma   90.00
#
_symmetry.space_group_name_H-M   'P 1 21 1'
#
loop_
_entity.id
_entity.type
_entity.pdbx_description
1 polymer 'DisA protein'
2 water water
#
_entity_poly.entity_id   1
_entity_poly.type   'polypeptide(L)'
_entity_poly.pdbx_seq_one_letter_code
;MGSSHHHHHHSSGLVPRGSHHEATVHPERFEPLLERSVPRIQPGLSAVRELLTHQPAFDALERFSEDLLLCIFQDMGAFQ
RAGSAESAATLRERLGVAGRFGRLYDSLLAILEGAGYLRIEGDRLFTSERVTPKKHEVERRMQQLADLPAIAPYVRLLWA
CYRRYPELLRGQVAATDVLFPQGSMDLMGPLYKGNATADHFNELVIKSLLVFLDARVPHLREGEKITILEVGAGTGGTTA
SVLEALSSHARHLEYFYTDISHAFTRYGKRQYGPRYPFVTFQPLDLEGDVVAQGFSAERFDVVLGANVVHATKNLRSTLQ
SIKRLLKANGWLVLNEMTRVVHFLTLSAGLLDGWWLFEDAAERMKWSPLLSSPMWKGLLEEEGFRRVAPLQHSDGTSSWS
IQNVILAESDGVSRSRRTESAA
;
_entity_poly.pdbx_strand_id   A
#
# COMPACT_ATOMS: atom_id res chain seq x y z
N ALA A 23 25.70 -17.28 0.39
CA ALA A 23 25.39 -15.86 -0.05
C ALA A 23 25.92 -15.62 -1.46
N THR A 24 25.17 -14.92 -2.27
CA THR A 24 25.50 -14.67 -3.66
C THR A 24 25.95 -13.24 -3.72
N VAL A 25 27.12 -12.96 -4.29
CA VAL A 25 27.58 -11.58 -4.49
C VAL A 25 27.67 -11.29 -5.97
N HIS A 26 26.79 -10.40 -6.45
CA HIS A 26 26.81 -10.04 -7.86
C HIS A 26 27.97 -9.13 -8.15
N PRO A 27 28.52 -9.20 -9.37
CA PRO A 27 29.55 -8.24 -9.76
C PRO A 27 28.97 -6.87 -9.95
N GLU A 28 29.79 -5.85 -9.76
CA GLU A 28 29.34 -4.51 -10.00
C GLU A 28 29.54 -4.12 -11.47
N ARG A 29 28.44 -3.93 -12.18
CA ARG A 29 28.51 -3.67 -13.58
C ARG A 29 28.31 -2.21 -13.91
N PHE A 30 27.90 -1.41 -12.96
CA PHE A 30 27.88 0.03 -13.16
C PHE A 30 28.03 0.69 -11.80
N GLU A 31 28.37 1.97 -11.77
CA GLU A 31 28.60 2.70 -10.53
C GLU A 31 27.31 3.07 -9.75
N PRO A 32 27.42 3.18 -8.44
CA PRO A 32 26.28 3.59 -7.63
C PRO A 32 25.76 4.91 -8.14
N LEU A 33 24.46 5.01 -8.35
CA LEU A 33 23.88 6.27 -8.81
C LEU A 33 22.76 6.89 -7.96
N LEU A 34 22.37 6.20 -6.92
CA LEU A 34 21.27 6.70 -6.14
C LEU A 34 21.58 7.98 -5.39
N GLU A 35 22.75 8.09 -4.83
CA GLU A 35 23.08 9.28 -3.99
C GLU A 35 22.90 10.56 -4.80
N ARG A 36 23.38 10.59 -6.02
CA ARG A 36 23.25 11.82 -6.78
C ARG A 36 21.91 12.00 -7.46
N SER A 37 21.12 10.92 -7.52
CA SER A 37 19.78 11.00 -8.02
C SER A 37 18.69 11.48 -7.04
N VAL A 38 18.85 11.26 -5.76
CA VAL A 38 17.80 11.57 -4.78
C VAL A 38 17.41 13.06 -4.86
N PRO A 39 18.39 13.94 -4.89
CA PRO A 39 17.99 15.37 -5.06
C PRO A 39 17.24 15.73 -6.34
N ARG A 40 17.40 14.99 -7.44
CA ARG A 40 16.67 15.22 -8.65
C ARG A 40 15.23 14.67 -8.56
N ILE A 41 14.95 13.87 -7.53
CA ILE A 41 13.59 13.25 -7.37
C ILE A 41 12.83 13.94 -6.23
N GLN A 42 13.55 14.28 -5.17
CA GLN A 42 12.97 14.92 -3.99
C GLN A 42 12.06 16.06 -4.38
N PRO A 43 10.78 16.00 -3.97
CA PRO A 43 9.94 17.13 -4.28
C PRO A 43 10.43 18.42 -3.56
N GLY A 44 10.27 19.54 -4.22
CA GLY A 44 10.53 20.83 -3.60
C GLY A 44 9.44 21.32 -2.66
N LEU A 45 9.68 22.49 -2.04
CA LEU A 45 8.81 22.96 -0.99
C LEU A 45 7.43 23.21 -1.48
N SER A 46 7.29 23.73 -2.70
CA SER A 46 6.00 24.11 -3.18
C SER A 46 5.15 22.87 -3.36
N ALA A 47 5.73 21.82 -3.90
CA ALA A 47 4.97 20.55 -4.06
C ALA A 47 4.58 19.94 -2.74
N VAL A 48 5.47 20.04 -1.76
CA VAL A 48 5.27 19.46 -0.48
C VAL A 48 4.14 20.24 0.20
N ARG A 49 4.22 21.59 0.11
CA ARG A 49 3.15 22.42 0.69
C ARG A 49 1.80 22.11 0.10
N GLU A 50 1.76 21.98 -1.20
CA GLU A 50 0.55 21.62 -1.91
C GLU A 50 -0.04 20.26 -1.41
N LEU A 51 0.81 19.26 -1.27
CA LEU A 51 0.33 17.96 -0.70
C LEU A 51 -0.21 18.17 0.72
N LEU A 52 0.44 19.01 1.53
CA LEU A 52 0.05 19.18 2.90
C LEU A 52 -1.26 19.91 3.05
N THR A 53 -1.70 20.59 2.00
CA THR A 53 -3.04 21.25 2.04
C THR A 53 -4.14 20.23 2.26
N HIS A 54 -3.83 18.99 1.93
CA HIS A 54 -4.84 17.91 2.12
C HIS A 54 -4.87 17.28 3.51
N GLN A 55 -4.00 17.65 4.44
CA GLN A 55 -4.00 17.06 5.73
C GLN A 55 -5.25 17.25 6.59
N PRO A 56 -5.91 18.44 6.56
CA PRO A 56 -7.14 18.59 7.35
C PRO A 56 -8.23 17.63 6.88
N ALA A 57 -8.28 17.39 5.58
CA ALA A 57 -9.30 16.47 5.05
C ALA A 57 -9.02 15.01 5.47
N PHE A 58 -7.75 14.60 5.40
CA PHE A 58 -7.39 13.25 5.81
C PHE A 58 -7.52 13.09 7.31
N ASP A 59 -7.27 14.16 8.09
CA ASP A 59 -7.55 14.11 9.54
C ASP A 59 -9.01 13.88 9.80
N ALA A 60 -9.87 14.56 9.04
CA ALA A 60 -11.29 14.37 9.20
C ALA A 60 -11.75 12.99 8.74
N LEU A 61 -11.10 12.47 7.71
CA LEU A 61 -11.36 11.07 7.29
C LEU A 61 -11.08 10.08 8.41
N GLU A 62 -10.06 10.31 9.18
CA GLU A 62 -9.73 9.44 10.29
C GLU A 62 -10.82 9.44 11.38
N ARG A 63 -11.26 10.62 11.76
CA ARG A 63 -12.28 10.77 12.76
C ARG A 63 -13.60 10.15 12.27
N PHE A 64 -13.95 10.42 11.05
CA PHE A 64 -15.11 9.81 10.44
C PHE A 64 -15.06 8.27 10.51
N SER A 65 -13.89 7.70 10.23
CA SER A 65 -13.76 6.26 10.29
C SER A 65 -14.10 5.73 11.68
N GLU A 66 -13.67 6.43 12.71
CA GLU A 66 -13.97 6.06 14.09
C GLU A 66 -15.50 6.01 14.35
N ASP A 67 -16.16 7.10 13.97
CA ASP A 67 -17.59 7.24 14.12
C ASP A 67 -18.40 6.23 13.31
N LEU A 68 -17.96 5.99 12.07
CA LEU A 68 -18.54 5.00 11.19
C LEU A 68 -18.44 3.63 11.83
N LEU A 69 -17.27 3.31 12.39
CA LEU A 69 -17.07 2.06 13.04
C LEU A 69 -18.03 1.89 14.23
N LEU A 70 -18.18 2.90 15.05
CA LEU A 70 -19.17 2.79 16.13
C LEU A 70 -20.57 2.46 15.56
N CYS A 71 -20.93 3.16 14.49
CA CYS A 71 -22.19 2.92 13.78
C CYS A 71 -22.30 1.49 13.30
N ILE A 72 -21.23 0.88 12.77
CA ILE A 72 -21.29 -0.50 12.32
C ILE A 72 -21.64 -1.46 13.49
N PHE A 73 -20.95 -1.33 14.59
CA PHE A 73 -21.35 -2.10 15.79
C PHE A 73 -22.83 -1.87 16.22
N GLN A 74 -23.27 -0.61 16.24
CA GLN A 74 -24.64 -0.31 16.63
C GLN A 74 -25.62 -0.96 15.70
N ASP A 75 -25.34 -0.88 14.39
CA ASP A 75 -26.12 -1.65 13.41
C ASP A 75 -26.15 -3.13 13.70
N MET A 76 -25.09 -3.70 14.26
CA MET A 76 -25.11 -5.10 14.66
C MET A 76 -25.68 -5.35 16.08
N GLY A 77 -26.19 -4.31 16.75
CA GLY A 77 -26.78 -4.43 18.10
C GLY A 77 -25.76 -4.41 19.22
N ALA A 78 -24.63 -3.72 19.00
CA ALA A 78 -23.64 -3.53 20.04
C ALA A 78 -23.29 -2.08 20.24
N PHE A 79 -22.95 -1.78 21.47
CA PHE A 79 -22.55 -0.49 21.86
C PHE A 79 -23.56 0.60 21.54
N GLN A 80 -24.86 0.30 21.70
CA GLN A 80 -25.89 1.27 21.40
C GLN A 80 -26.03 2.35 22.43
N ARG A 81 -25.55 2.08 23.67
CA ARG A 81 -25.79 2.97 24.78
C ARG A 81 -24.53 3.10 25.68
N ALA A 82 -24.31 4.31 26.19
CA ALA A 82 -23.32 4.57 27.26
C ALA A 82 -23.58 3.78 28.58
N GLY A 83 -22.53 3.19 29.21
CA GLY A 83 -22.56 2.54 30.55
C GLY A 83 -22.82 1.05 30.58
N SER A 84 -22.68 0.43 29.43
CA SER A 84 -22.95 -0.95 29.32
C SER A 84 -21.53 -1.66 29.25
N ALA A 85 -21.48 -2.93 29.69
CA ALA A 85 -20.22 -3.65 29.72
C ALA A 85 -20.43 -4.95 29.01
N GLU A 86 -19.40 -5.37 28.29
CA GLU A 86 -19.47 -6.61 27.49
C GLU A 86 -18.17 -7.34 27.70
N SER A 87 -18.22 -8.63 27.52
CA SER A 87 -17.05 -9.39 27.29
C SER A 87 -16.74 -9.35 25.77
N ALA A 88 -15.54 -8.90 25.43
CA ALA A 88 -15.00 -9.00 24.08
C ALA A 88 -15.14 -10.39 23.48
N ALA A 89 -14.77 -11.42 24.26
CA ALA A 89 -14.85 -12.78 23.77
C ALA A 89 -16.29 -13.20 23.52
N THR A 90 -17.19 -12.82 24.43
CA THR A 90 -18.59 -13.15 24.29
C THR A 90 -19.25 -12.43 23.12
N LEU A 91 -18.98 -11.14 23.05
CA LEU A 91 -19.47 -10.33 21.95
C LEU A 91 -19.03 -10.86 20.58
N ARG A 92 -17.77 -11.19 20.41
CA ARG A 92 -17.29 -11.67 19.13
C ARG A 92 -18.14 -12.80 18.66
N GLU A 93 -18.41 -13.71 19.56
CA GLU A 93 -19.23 -14.90 19.27
C GLU A 93 -20.63 -14.51 19.02
N ARG A 94 -21.16 -13.66 19.87
CA ARG A 94 -22.50 -13.22 19.69
C ARG A 94 -22.74 -12.46 18.37
N LEU A 95 -21.77 -11.66 17.92
CA LEU A 95 -21.94 -10.90 16.65
C LEU A 95 -21.74 -11.76 15.44
N GLY A 96 -20.98 -12.85 15.58
CA GLY A 96 -20.80 -13.82 14.47
C GLY A 96 -19.54 -13.58 13.66
N VAL A 97 -18.58 -12.91 14.26
CA VAL A 97 -17.39 -12.54 13.54
C VAL A 97 -16.64 -13.77 13.05
N ALA A 98 -16.22 -13.72 11.80
CA ALA A 98 -15.62 -14.85 11.17
C ALA A 98 -14.28 -15.07 11.76
N GLY A 99 -13.92 -16.34 11.88
CA GLY A 99 -12.66 -16.66 12.46
C GLY A 99 -11.50 -15.91 11.84
N ARG A 100 -11.47 -15.78 10.51
CA ARG A 100 -10.31 -15.13 9.87
C ARG A 100 -10.22 -13.63 10.24
N PHE A 101 -11.31 -13.09 10.78
CA PHE A 101 -11.36 -11.72 11.37
C PHE A 101 -11.23 -11.51 12.90
N GLY A 102 -10.70 -12.50 13.59
CA GLY A 102 -10.33 -12.31 14.96
C GLY A 102 -9.44 -11.11 15.23
N ARG A 103 -8.32 -11.01 14.50
CA ARG A 103 -7.35 -9.95 14.74
C ARG A 103 -7.99 -8.60 14.19
N LEU A 104 -8.71 -8.64 13.08
CA LEU A 104 -9.39 -7.37 12.65
C LEU A 104 -10.33 -6.87 13.80
N TYR A 105 -11.10 -7.80 14.37
CA TYR A 105 -12.02 -7.48 15.45
C TYR A 105 -11.30 -6.87 16.58
N ASP A 106 -10.18 -7.46 17.05
CA ASP A 106 -9.42 -6.83 18.11
C ASP A 106 -8.96 -5.43 17.72
N SER A 107 -8.46 -5.29 16.48
CA SER A 107 -8.08 -3.96 16.02
C SER A 107 -9.26 -2.94 16.02
N LEU A 108 -10.42 -3.38 15.64
CA LEU A 108 -11.62 -2.48 15.58
C LEU A 108 -11.97 -2.01 17.02
N LEU A 109 -11.89 -2.94 18.00
CA LEU A 109 -12.10 -2.53 19.41
C LEU A 109 -11.11 -1.49 19.85
N ALA A 110 -9.80 -1.65 19.51
CA ALA A 110 -8.81 -0.66 19.86
C ALA A 110 -9.01 0.67 19.16
N ILE A 111 -9.49 0.66 17.90
CA ILE A 111 -9.90 1.94 17.27
C ILE A 111 -10.97 2.66 18.10
N LEU A 112 -11.99 1.91 18.51
CA LEU A 112 -13.03 2.54 19.38
C LEU A 112 -12.45 3.04 20.74
N GLU A 113 -11.55 2.28 21.28
CA GLU A 113 -10.87 2.68 22.50
C GLU A 113 -10.07 3.95 22.30
N GLY A 114 -9.31 4.04 21.21
CA GLY A 114 -8.52 5.22 20.94
C GLY A 114 -9.33 6.44 20.62
N ALA A 115 -10.57 6.23 20.14
CA ALA A 115 -11.48 7.31 19.88
C ALA A 115 -12.22 7.79 21.16
N GLY A 116 -12.06 7.11 22.29
CA GLY A 116 -12.80 7.51 23.49
C GLY A 116 -14.19 6.93 23.64
N TYR A 117 -14.57 5.95 22.79
CA TYR A 117 -15.86 5.31 22.91
C TYR A 117 -15.91 4.11 23.81
N LEU A 118 -14.81 3.35 23.93
CA LEU A 118 -14.73 2.16 24.78
C LEU A 118 -13.60 2.41 25.78
N ARG A 119 -13.79 1.89 27.00
CA ARG A 119 -12.72 1.70 27.95
C ARG A 119 -12.54 0.22 28.02
N ILE A 120 -11.28 -0.24 27.89
CA ILE A 120 -11.01 -1.61 27.80
C ILE A 120 -10.03 -2.06 28.92
N GLU A 121 -10.41 -3.10 29.63
CA GLU A 121 -9.64 -3.59 30.77
C GLU A 121 -9.60 -5.10 30.58
N GLY A 122 -8.56 -5.59 29.92
CA GLY A 122 -8.56 -6.99 29.54
C GLY A 122 -9.73 -7.31 28.65
N ASP A 123 -10.48 -8.35 28.95
CA ASP A 123 -11.62 -8.76 28.17
C ASP A 123 -12.81 -7.87 28.35
N ARG A 124 -12.71 -6.90 29.24
CA ARG A 124 -13.85 -6.10 29.59
C ARG A 124 -13.97 -4.77 28.87
N LEU A 125 -15.10 -4.63 28.20
CA LEU A 125 -15.43 -3.48 27.41
C LEU A 125 -16.50 -2.65 28.08
N PHE A 126 -16.30 -1.38 28.17
CA PHE A 126 -17.24 -0.50 28.82
C PHE A 126 -17.49 0.66 27.88
N THR A 127 -18.76 0.91 27.57
CA THR A 127 -19.07 2.08 26.71
C THR A 127 -19.07 3.31 27.52
N SER A 128 -18.36 4.28 27.02
CA SER A 128 -18.26 5.55 27.62
C SER A 128 -19.40 6.47 27.29
N GLU A 129 -19.37 7.60 27.99
CA GLU A 129 -20.27 8.73 27.81
C GLU A 129 -20.34 9.32 26.42
N ARG A 130 -19.28 9.13 25.64
CA ARG A 130 -19.25 9.64 24.27
C ARG A 130 -20.13 8.80 23.34
N VAL A 131 -20.50 7.60 23.79
CA VAL A 131 -21.34 6.74 22.97
C VAL A 131 -22.80 7.32 22.87
N THR A 132 -23.21 7.72 21.67
CA THR A 132 -24.60 8.10 21.36
C THR A 132 -25.03 7.36 20.05
N PRO A 133 -26.31 7.49 19.63
CA PRO A 133 -26.73 6.86 18.37
C PRO A 133 -26.07 7.58 17.19
N LYS A 134 -25.26 6.84 16.44
CA LYS A 134 -24.46 7.44 15.39
C LYS A 134 -25.12 7.43 13.98
N LYS A 135 -26.16 6.64 13.81
CA LYS A 135 -26.78 6.38 12.45
C LYS A 135 -26.93 7.64 11.59
N HIS A 136 -27.63 8.65 12.11
CA HIS A 136 -27.92 9.82 11.33
C HIS A 136 -26.70 10.72 11.18
N GLU A 137 -25.98 10.89 12.26
CA GLU A 137 -24.78 11.72 12.28
C GLU A 137 -23.78 11.30 11.19
N VAL A 138 -23.48 10.03 11.18
CA VAL A 138 -22.47 9.51 10.20
C VAL A 138 -22.91 9.65 8.77
N GLU A 139 -24.18 9.45 8.45
CA GLU A 139 -24.65 9.67 7.07
C GLU A 139 -24.53 11.11 6.60
N ARG A 140 -24.83 12.07 7.52
CA ARG A 140 -24.64 13.50 7.23
C ARG A 140 -23.18 13.78 7.05
N ARG A 141 -22.35 13.25 7.93
CA ARG A 141 -20.88 13.51 7.84
C ARG A 141 -20.27 12.98 6.59
N MET A 142 -20.71 11.81 6.18
CA MET A 142 -20.32 11.21 4.91
C MET A 142 -20.58 12.17 3.76
N GLN A 143 -21.78 12.77 3.72
CA GLN A 143 -22.09 13.69 2.60
C GLN A 143 -21.23 14.93 2.59
N GLN A 144 -20.95 15.43 3.78
CA GLN A 144 -20.04 16.58 3.93
C GLN A 144 -18.63 16.27 3.44
N LEU A 145 -18.12 15.07 3.81
CA LEU A 145 -16.76 14.72 3.46
C LEU A 145 -16.65 14.34 2.04
N ALA A 146 -17.75 13.84 1.43
CA ALA A 146 -17.76 13.49 0.01
C ALA A 146 -17.59 14.74 -0.88
N ASP A 147 -17.85 15.93 -0.34
CA ASP A 147 -17.72 17.19 -1.04
C ASP A 147 -16.25 17.71 -1.00
N LEU A 148 -15.32 16.92 -0.44
CA LEU A 148 -13.90 17.23 -0.50
C LEU A 148 -13.20 16.31 -1.48
N PRO A 149 -12.82 16.84 -2.65
CA PRO A 149 -12.28 15.90 -3.64
C PRO A 149 -11.13 15.01 -3.26
N ALA A 150 -10.22 15.51 -2.43
CA ALA A 150 -9.03 14.73 -2.13
C ALA A 150 -9.37 13.47 -1.36
N ILE A 151 -10.47 13.52 -0.58
CA ILE A 151 -10.86 12.36 0.19
C ILE A 151 -12.08 11.63 -0.38
N ALA A 152 -12.75 12.27 -1.33
CA ALA A 152 -14.05 11.73 -1.80
C ALA A 152 -14.02 10.22 -2.16
N PRO A 153 -13.00 9.74 -2.92
CA PRO A 153 -13.04 8.30 -3.26
C PRO A 153 -12.82 7.37 -2.09
N TYR A 154 -12.12 7.88 -1.06
CA TYR A 154 -11.95 7.14 0.18
C TYR A 154 -13.29 7.07 0.94
N VAL A 155 -13.98 8.19 0.99
CA VAL A 155 -15.29 8.28 1.65
C VAL A 155 -16.26 7.30 0.97
N ARG A 156 -16.29 7.39 -0.36
CA ARG A 156 -17.12 6.50 -1.17
C ARG A 156 -16.86 5.03 -0.84
N LEU A 157 -15.59 4.63 -0.87
CA LEU A 157 -15.25 3.25 -0.58
C LEU A 157 -15.70 2.84 0.86
N LEU A 158 -15.39 3.69 1.87
CA LEU A 158 -15.80 3.37 3.23
C LEU A 158 -17.30 3.22 3.33
N TRP A 159 -18.04 4.10 2.67
CA TRP A 159 -19.51 4.02 2.69
C TRP A 159 -20.04 2.76 2.02
N ALA A 160 -19.41 2.32 0.94
CA ALA A 160 -19.80 1.05 0.31
C ALA A 160 -19.53 -0.13 1.27
N CYS A 161 -18.43 -0.10 1.97
CA CYS A 161 -18.11 -1.16 2.92
C CYS A 161 -19.11 -1.09 4.08
N TYR A 162 -19.33 0.13 4.59
CA TYR A 162 -20.29 0.39 5.71
C TYR A 162 -21.63 -0.29 5.47
N ARG A 163 -22.14 -0.07 4.27
CA ARG A 163 -23.46 -0.64 3.95
C ARG A 163 -23.53 -2.13 4.04
N ARG A 164 -22.42 -2.85 3.84
CA ARG A 164 -22.45 -4.26 3.90
C ARG A 164 -21.65 -4.82 5.02
N TYR A 165 -21.24 -3.96 5.94
CA TYR A 165 -20.20 -4.39 6.94
C TYR A 165 -20.59 -5.59 7.82
N PRO A 166 -21.80 -5.61 8.33
CA PRO A 166 -22.20 -6.77 9.15
C PRO A 166 -22.05 -8.09 8.37
N GLU A 167 -22.49 -8.17 7.12
CA GLU A 167 -22.15 -9.30 6.25
C GLU A 167 -20.67 -9.58 6.04
N LEU A 168 -19.87 -8.55 5.82
CA LEU A 168 -18.46 -8.69 5.62
C LEU A 168 -17.82 -9.36 6.82
N LEU A 169 -18.14 -8.84 8.00
CA LEU A 169 -17.45 -9.19 9.19
C LEU A 169 -17.82 -10.61 9.63
N ARG A 170 -19.07 -11.00 9.35
CA ARG A 170 -19.55 -12.35 9.58
C ARG A 170 -19.04 -13.30 8.49
N GLY A 171 -18.36 -12.80 7.46
CA GLY A 171 -17.89 -13.64 6.35
C GLY A 171 -19.01 -14.16 5.47
N GLN A 172 -20.17 -13.50 5.54
CA GLN A 172 -21.32 -13.90 4.77
C GLN A 172 -21.27 -13.33 3.35
N VAL A 173 -20.35 -12.41 3.07
CA VAL A 173 -20.11 -11.97 1.69
C VAL A 173 -18.64 -11.70 1.57
N ALA A 174 -18.07 -12.12 0.44
CA ALA A 174 -16.67 -11.91 0.18
C ALA A 174 -16.31 -10.43 0.05
N ALA A 175 -15.23 -10.02 0.67
CA ALA A 175 -14.73 -8.64 0.58
C ALA A 175 -14.60 -8.11 -0.83
N THR A 176 -14.03 -8.94 -1.73
CA THR A 176 -13.86 -8.54 -3.16
C THR A 176 -15.17 -8.24 -3.88
N ASP A 177 -16.23 -8.90 -3.50
CA ASP A 177 -17.57 -8.54 -4.07
C ASP A 177 -18.05 -7.12 -3.71
N VAL A 178 -17.61 -6.62 -2.56
CA VAL A 178 -17.99 -5.28 -2.17
C VAL A 178 -16.95 -4.25 -2.65
N LEU A 179 -15.67 -4.59 -2.50
CA LEU A 179 -14.60 -3.68 -2.94
C LEU A 179 -14.47 -3.63 -4.47
N PHE A 180 -14.83 -4.73 -5.15
CA PHE A 180 -14.87 -4.77 -6.63
C PHE A 180 -16.28 -5.10 -7.11
N PRO A 181 -17.18 -4.12 -7.09
CA PRO A 181 -18.58 -4.51 -7.29
C PRO A 181 -18.79 -4.97 -8.72
N GLN A 182 -19.44 -6.11 -8.84
CA GLN A 182 -19.67 -6.74 -10.14
C GLN A 182 -18.38 -6.86 -10.89
N GLY A 183 -17.30 -7.14 -10.16
CA GLY A 183 -16.01 -7.36 -10.76
C GLY A 183 -15.31 -6.08 -11.12
N SER A 184 -15.98 -4.93 -11.08
CA SER A 184 -15.40 -3.67 -11.56
C SER A 184 -14.34 -3.01 -10.64
N MET A 185 -13.73 -1.97 -11.22
CA MET A 185 -12.80 -1.06 -10.55
C MET A 185 -13.50 0.27 -10.20
N ASP A 186 -14.83 0.27 -10.17
CA ASP A 186 -15.59 1.48 -9.91
C ASP A 186 -15.20 2.17 -8.58
N LEU A 187 -14.89 1.36 -7.60
CA LEU A 187 -14.52 1.92 -6.25
C LEU A 187 -13.03 1.98 -6.04
N MET A 188 -12.30 0.94 -6.45
CA MET A 188 -10.83 0.90 -6.21
C MET A 188 -10.04 1.77 -7.18
N GLY A 189 -10.54 1.89 -8.39
CA GLY A 189 -9.81 2.58 -9.45
C GLY A 189 -9.55 4.01 -9.01
N PRO A 190 -10.62 4.72 -8.61
CA PRO A 190 -10.44 6.11 -8.22
C PRO A 190 -9.55 6.34 -6.98
N LEU A 191 -9.22 5.29 -6.26
CA LEU A 191 -8.36 5.37 -5.10
C LEU A 191 -6.91 5.43 -5.50
N TYR A 192 -6.58 4.59 -6.45
CA TYR A 192 -5.18 4.42 -6.82
C TYR A 192 -4.64 5.53 -7.71
N LYS A 193 -5.54 6.20 -8.43
CA LYS A 193 -5.17 7.29 -9.28
C LYS A 193 -6.33 8.26 -9.49
N GLY A 194 -6.05 9.48 -9.87
CA GLY A 194 -7.00 10.51 -10.12
C GLY A 194 -7.42 11.28 -8.88
N ASN A 195 -6.74 11.15 -7.76
CA ASN A 195 -6.99 11.99 -6.65
C ASN A 195 -5.61 12.55 -6.22
N ALA A 196 -5.59 13.65 -5.53
CA ALA A 196 -4.34 14.36 -5.34
C ALA A 196 -3.23 13.58 -4.65
N THR A 197 -3.53 12.97 -3.52
CA THR A 197 -2.44 12.30 -2.78
C THR A 197 -1.91 11.09 -3.59
N ALA A 198 -2.80 10.26 -4.14
CA ALA A 198 -2.32 9.09 -4.92
C ALA A 198 -1.45 9.59 -6.12
N ASP A 199 -1.93 10.62 -6.81
CA ASP A 199 -1.22 11.10 -7.98
C ASP A 199 0.12 11.67 -7.63
N HIS A 200 0.24 12.32 -6.49
CA HIS A 200 1.52 12.87 -6.06
C HIS A 200 2.58 11.75 -5.95
N PHE A 201 2.22 10.70 -5.25
CA PHE A 201 3.11 9.55 -5.12
C PHE A 201 3.33 8.75 -6.41
N ASN A 202 2.30 8.63 -7.25
CA ASN A 202 2.44 7.98 -8.57
C ASN A 202 3.48 8.71 -9.41
N GLU A 203 3.45 10.03 -9.30
CA GLU A 203 4.36 10.86 -10.07
C GLU A 203 5.77 10.77 -9.55
N LEU A 204 5.93 10.62 -8.23
CA LEU A 204 7.25 10.39 -7.66
C LEU A 204 7.85 9.07 -8.07
N VAL A 205 7.05 8.02 -8.24
CA VAL A 205 7.62 6.78 -8.76
C VAL A 205 8.13 6.96 -10.23
N ILE A 206 7.32 7.57 -11.06
CA ILE A 206 7.63 7.82 -12.46
C ILE A 206 8.91 8.66 -12.54
N LYS A 207 8.96 9.71 -11.75
CA LYS A 207 10.14 10.56 -11.72
C LYS A 207 11.39 9.76 -11.37
N SER A 208 11.28 8.86 -10.38
CA SER A 208 12.40 8.08 -10.01
C SER A 208 12.90 7.26 -11.17
N LEU A 209 11.98 6.65 -11.92
CA LEU A 209 12.37 5.81 -13.00
C LEU A 209 13.05 6.60 -14.12
N LEU A 210 12.50 7.77 -14.43
CA LEU A 210 13.03 8.57 -15.49
C LEU A 210 14.39 9.12 -15.11
N VAL A 211 14.60 9.44 -13.83
CA VAL A 211 15.93 9.89 -13.37
C VAL A 211 16.94 8.76 -13.52
N PHE A 212 16.49 7.58 -13.21
CA PHE A 212 17.36 6.41 -13.38
C PHE A 212 17.75 6.24 -14.85
N LEU A 213 16.78 6.28 -15.71
CA LEU A 213 17.03 6.09 -17.12
C LEU A 213 17.94 7.18 -17.67
N ASP A 214 17.71 8.40 -17.25
CA ASP A 214 18.52 9.50 -17.73
C ASP A 214 19.97 9.33 -17.34
N ALA A 215 20.22 8.81 -16.16
CA ALA A 215 21.56 8.52 -15.74
C ALA A 215 22.26 7.38 -16.47
N ARG A 216 21.54 6.32 -16.78
CA ARG A 216 22.15 5.13 -17.33
C ARG A 216 22.19 5.10 -18.84
N VAL A 217 21.14 5.60 -19.47
CA VAL A 217 21.00 5.41 -20.94
C VAL A 217 22.25 5.89 -21.67
N PRO A 218 22.80 7.04 -21.27
CA PRO A 218 23.98 7.53 -21.98
C PRO A 218 25.15 6.57 -21.99
N HIS A 219 25.25 5.70 -20.99
CA HIS A 219 26.34 4.77 -20.89
C HIS A 219 26.06 3.37 -21.38
N LEU A 220 24.91 3.14 -22.00
CA LEU A 220 24.62 1.81 -22.50
C LEU A 220 25.45 1.47 -23.74
N ARG A 221 25.90 0.22 -23.84
CA ARG A 221 26.49 -0.27 -25.09
C ARG A 221 25.40 -0.43 -26.10
N GLU A 222 25.80 -0.69 -27.34
CA GLU A 222 24.89 -0.89 -28.44
C GLU A 222 24.00 -2.12 -28.23
N GLY A 223 22.69 -1.95 -28.35
CA GLY A 223 21.74 -3.05 -28.13
C GLY A 223 21.51 -3.44 -26.67
N GLU A 224 22.27 -2.87 -25.75
CA GLU A 224 22.09 -3.12 -24.32
C GLU A 224 20.80 -2.44 -23.79
N LYS A 225 20.07 -3.11 -22.90
CA LYS A 225 18.85 -2.53 -22.31
C LYS A 225 18.89 -2.37 -20.80
N ILE A 226 18.03 -1.47 -20.32
CA ILE A 226 17.72 -1.33 -18.92
C ILE A 226 16.44 -2.14 -18.69
N THR A 227 16.43 -2.95 -17.62
CA THR A 227 15.34 -3.89 -17.35
C THR A 227 14.70 -3.56 -16.03
N ILE A 228 13.39 -3.30 -16.06
CA ILE A 228 12.68 -2.92 -14.84
C ILE A 228 11.65 -3.98 -14.57
N LEU A 229 11.55 -4.41 -13.33
CA LEU A 229 10.52 -5.35 -12.90
C LEU A 229 9.50 -4.63 -12.05
N GLU A 230 8.22 -4.75 -12.37
CA GLU A 230 7.19 -4.39 -11.46
C GLU A 230 6.59 -5.62 -10.83
N VAL A 231 6.59 -5.65 -9.52
CA VAL A 231 5.92 -6.73 -8.79
C VAL A 231 4.54 -6.34 -8.40
N GLY A 232 3.64 -7.33 -8.31
CA GLY A 232 2.29 -6.96 -7.92
C GLY A 232 1.61 -5.91 -8.76
N ALA A 233 1.80 -5.94 -10.08
CA ALA A 233 1.16 -4.97 -10.98
C ALA A 233 -0.38 -5.04 -11.01
N GLY A 234 -0.93 -6.19 -10.59
CA GLY A 234 -2.39 -6.30 -10.38
C GLY A 234 -3.02 -6.14 -11.69
N THR A 235 -4.09 -5.36 -11.76
CA THR A 235 -4.76 -5.05 -13.03
C THR A 235 -4.17 -3.83 -13.75
N GLY A 236 -3.03 -3.30 -13.24
CA GLY A 236 -2.27 -2.35 -14.01
C GLY A 236 -2.78 -0.92 -13.97
N GLY A 237 -3.60 -0.59 -12.97
CA GLY A 237 -4.19 0.76 -12.86
C GLY A 237 -3.12 1.86 -12.84
N THR A 238 -2.15 1.73 -11.94
CA THR A 238 -1.05 2.70 -11.91
C THR A 238 0.05 2.43 -12.97
N THR A 239 0.07 1.20 -13.49
CA THR A 239 1.08 0.83 -14.47
C THR A 239 0.89 1.54 -15.79
N ALA A 240 -0.35 1.81 -16.11
CA ALA A 240 -0.66 2.52 -17.38
C ALA A 240 0.15 3.83 -17.61
N SER A 241 0.16 4.69 -16.60
CA SER A 241 0.85 5.93 -16.67
C SER A 241 2.37 5.74 -16.59
N VAL A 242 2.84 4.71 -15.89
CA VAL A 242 4.23 4.40 -15.94
C VAL A 242 4.71 4.07 -17.37
N LEU A 243 3.98 3.15 -18.00
CA LEU A 243 4.37 2.71 -19.33
C LEU A 243 4.31 3.91 -20.31
N GLU A 244 3.30 4.75 -20.21
CA GLU A 244 3.23 5.90 -21.10
C GLU A 244 4.45 6.81 -20.89
N ALA A 245 4.80 7.07 -19.63
CA ALA A 245 5.98 7.96 -19.35
C ALA A 245 7.26 7.34 -19.85
N LEU A 246 7.34 6.02 -19.80
CA LEU A 246 8.57 5.37 -20.19
C LEU A 246 8.71 5.12 -21.68
N SER A 247 7.63 5.28 -22.43
CA SER A 247 7.53 4.65 -23.75
C SER A 247 8.54 5.29 -24.73
N SER A 248 8.93 6.54 -24.50
CA SER A 248 9.98 7.18 -25.29
C SER A 248 11.35 6.55 -25.12
N HIS A 249 11.58 5.74 -24.07
CA HIS A 249 12.80 4.98 -23.94
C HIS A 249 12.72 3.60 -24.45
N ALA A 250 11.64 3.31 -25.15
CA ALA A 250 11.34 1.95 -25.54
C ALA A 250 12.55 1.23 -26.13
N ARG A 251 13.40 1.91 -26.89
CA ARG A 251 14.48 1.17 -27.58
C ARG A 251 15.57 0.62 -26.68
N HIS A 252 15.75 1.22 -25.51
CA HIS A 252 16.67 0.60 -24.54
C HIS A 252 16.03 0.12 -23.24
N LEU A 253 14.77 -0.27 -23.32
CA LEU A 253 14.06 -0.69 -22.14
C LEU A 253 13.39 -2.04 -22.32
N GLU A 254 13.47 -2.88 -21.29
CA GLU A 254 12.53 -3.98 -21.11
C GLU A 254 11.80 -3.83 -19.75
N TYR A 255 10.47 -3.94 -19.76
CA TYR A 255 9.70 -3.82 -18.56
C TYR A 255 8.91 -5.12 -18.31
N PHE A 256 9.10 -5.73 -17.16
CA PHE A 256 8.40 -6.91 -16.78
C PHE A 256 7.19 -6.55 -15.88
N TYR A 257 6.00 -6.74 -16.47
CA TYR A 257 4.72 -6.63 -15.79
C TYR A 257 4.39 -7.99 -15.13
N THR A 258 4.43 -8.06 -13.81
CA THR A 258 4.29 -9.32 -13.10
C THR A 258 3.33 -9.18 -11.98
N ASP A 259 2.70 -10.34 -11.63
CA ASP A 259 1.79 -10.42 -10.51
C ASP A 259 1.74 -11.87 -10.09
N ILE A 260 1.38 -12.10 -8.83
CA ILE A 260 1.15 -13.47 -8.41
C ILE A 260 0.07 -14.18 -9.27
N SER A 261 -0.95 -13.42 -9.65
CA SER A 261 -2.04 -13.94 -10.49
C SER A 261 -1.71 -14.03 -11.95
N HIS A 262 -1.77 -15.24 -12.46
CA HIS A 262 -1.63 -15.48 -13.86
C HIS A 262 -2.72 -14.80 -14.66
N ALA A 263 -3.97 -14.80 -14.17
CA ALA A 263 -5.06 -14.08 -14.79
C ALA A 263 -4.78 -12.59 -14.93
N PHE A 264 -4.33 -11.95 -13.84
CA PHE A 264 -3.98 -10.55 -13.91
C PHE A 264 -2.88 -10.26 -14.92
N THR A 265 -1.89 -11.10 -15.08
CA THR A 265 -0.86 -10.85 -16.05
C THR A 265 -1.42 -11.00 -17.48
N ARG A 266 -2.31 -11.96 -17.69
CA ARG A 266 -2.92 -12.16 -19.00
C ARG A 266 -3.76 -10.95 -19.43
N TYR A 267 -4.54 -10.43 -18.49
CA TYR A 267 -5.40 -9.29 -18.73
C TYR A 267 -4.62 -8.05 -18.90
N GLY A 268 -3.50 -7.92 -18.18
CA GLY A 268 -2.59 -6.89 -18.49
C GLY A 268 -1.98 -6.97 -19.90
N LYS A 269 -1.61 -8.13 -20.36
CA LYS A 269 -1.06 -8.30 -21.69
C LYS A 269 -2.10 -7.87 -22.74
N ARG A 270 -3.33 -8.30 -22.57
CA ARG A 270 -4.43 -7.85 -23.46
C ARG A 270 -4.54 -6.36 -23.54
N GLN A 271 -4.40 -5.68 -22.39
CA GLN A 271 -4.67 -4.28 -22.31
C GLN A 271 -3.52 -3.43 -22.78
N TYR A 272 -2.30 -3.80 -22.34
CA TYR A 272 -1.12 -2.97 -22.57
C TYR A 272 -0.13 -3.52 -23.57
N GLY A 273 -0.13 -4.85 -23.80
CA GLY A 273 0.85 -5.45 -24.69
C GLY A 273 0.92 -4.85 -26.08
N PRO A 274 -0.26 -4.75 -26.77
CA PRO A 274 -0.22 -4.12 -28.10
C PRO A 274 0.44 -2.74 -28.18
N ARG A 275 0.12 -1.87 -27.22
CA ARG A 275 0.62 -0.49 -27.30
C ARG A 275 2.04 -0.34 -26.83
N TYR A 276 2.51 -1.27 -25.99
CA TYR A 276 3.87 -1.22 -25.36
C TYR A 276 4.61 -2.53 -25.57
N PRO A 277 5.22 -2.70 -26.78
CA PRO A 277 5.84 -3.95 -27.13
C PRO A 277 7.06 -4.24 -26.34
N PHE A 278 7.61 -3.24 -25.65
CA PHE A 278 8.74 -3.49 -24.76
C PHE A 278 8.41 -4.26 -23.40
N VAL A 279 7.14 -4.48 -23.12
CA VAL A 279 6.71 -5.13 -21.89
C VAL A 279 6.58 -6.62 -22.07
N THR A 280 7.16 -7.40 -21.12
CA THR A 280 6.98 -8.83 -20.97
C THR A 280 6.04 -9.06 -19.80
N PHE A 281 5.06 -9.93 -19.97
CA PHE A 281 4.07 -10.18 -18.96
C PHE A 281 4.29 -11.60 -18.47
N GLN A 282 4.49 -11.76 -17.16
CA GLN A 282 4.92 -13.05 -16.59
C GLN A 282 4.53 -13.09 -15.11
N PRO A 283 3.93 -14.19 -14.67
CA PRO A 283 3.58 -14.32 -13.28
C PRO A 283 4.86 -14.37 -12.36
N LEU A 284 4.72 -13.90 -11.16
CA LEU A 284 5.81 -13.97 -10.16
C LEU A 284 5.29 -13.86 -8.78
N ASP A 285 5.72 -14.84 -7.97
CA ASP A 285 5.40 -14.93 -6.58
C ASP A 285 6.74 -14.81 -5.87
N LEU A 286 6.98 -13.71 -5.16
CA LEU A 286 8.35 -13.45 -4.66
C LEU A 286 8.70 -14.38 -3.51
N GLU A 287 7.64 -14.83 -2.82
CA GLU A 287 7.73 -15.83 -1.78
C GLU A 287 8.11 -17.22 -2.29
N GLY A 288 8.19 -17.43 -3.59
CA GLY A 288 8.66 -18.69 -4.10
C GLY A 288 10.02 -18.57 -4.68
N ASP A 289 10.35 -19.49 -5.52
CA ASP A 289 11.67 -19.58 -6.05
C ASP A 289 11.72 -18.82 -7.36
N VAL A 290 12.39 -17.66 -7.37
CA VAL A 290 12.25 -16.77 -8.52
C VAL A 290 12.89 -17.36 -9.77
N VAL A 291 13.94 -18.14 -9.62
CA VAL A 291 14.53 -18.73 -10.83
C VAL A 291 13.68 -19.86 -11.40
N ALA A 292 13.17 -20.73 -10.52
CA ALA A 292 12.13 -21.71 -10.90
C ALA A 292 11.03 -21.04 -11.71
N GLN A 293 10.68 -19.79 -11.37
CA GLN A 293 9.61 -19.08 -12.08
C GLN A 293 10.00 -18.42 -13.40
N GLY A 294 11.26 -18.58 -13.84
CA GLY A 294 11.70 -18.11 -15.09
C GLY A 294 12.37 -16.74 -15.05
N PHE A 295 12.84 -16.30 -13.89
CA PHE A 295 13.53 -14.98 -13.66
C PHE A 295 14.99 -15.15 -13.13
N SER A 296 15.96 -14.74 -13.89
CA SER A 296 17.33 -14.98 -13.46
C SER A 296 17.89 -13.97 -12.43
N ALA A 297 18.86 -14.44 -11.66
CA ALA A 297 19.62 -13.60 -10.80
C ALA A 297 20.33 -12.46 -11.51
N GLU A 298 20.35 -11.32 -10.84
CA GLU A 298 20.87 -10.06 -11.34
C GLU A 298 20.45 -9.62 -12.74
N ARG A 299 19.17 -9.79 -13.02
CA ARG A 299 18.64 -9.44 -14.28
C ARG A 299 18.12 -8.02 -14.38
N PHE A 300 17.77 -7.46 -13.24
CA PHE A 300 17.01 -6.26 -13.17
C PHE A 300 17.77 -5.07 -12.65
N ASP A 301 17.62 -3.95 -13.34
CA ASP A 301 18.23 -2.71 -12.90
C ASP A 301 17.39 -2.08 -11.80
N VAL A 302 16.07 -2.26 -11.89
CA VAL A 302 15.10 -1.62 -10.93
C VAL A 302 14.00 -2.62 -10.67
N VAL A 303 13.62 -2.72 -9.42
CA VAL A 303 12.39 -3.36 -9.04
C VAL A 303 11.44 -2.32 -8.44
N LEU A 304 10.22 -2.25 -8.96
CA LEU A 304 9.18 -1.34 -8.49
C LEU A 304 8.08 -2.13 -7.80
N GLY A 305 7.69 -1.68 -6.60
CA GLY A 305 6.60 -2.28 -5.83
C GLY A 305 5.67 -1.20 -5.37
N ALA A 306 4.50 -1.10 -5.97
CA ALA A 306 3.60 -0.05 -5.63
C ALA A 306 2.54 -0.59 -4.78
N ASN A 307 2.70 -0.45 -3.47
CA ASN A 307 1.73 -0.79 -2.44
C ASN A 307 1.44 -2.30 -2.37
N VAL A 308 2.46 -3.12 -2.61
CA VAL A 308 2.31 -4.53 -2.62
C VAL A 308 3.41 -5.33 -1.90
N VAL A 309 4.63 -4.78 -1.73
CA VAL A 309 5.70 -5.59 -1.14
C VAL A 309 5.40 -5.97 0.31
N HIS A 310 4.62 -5.12 1.00
CA HIS A 310 4.20 -5.50 2.39
C HIS A 310 3.29 -6.77 2.44
N ALA A 311 2.73 -7.22 1.33
CA ALA A 311 1.82 -8.41 1.34
C ALA A 311 2.58 -9.68 1.20
N THR A 312 3.30 -10.03 2.27
CA THR A 312 4.18 -11.16 2.25
C THR A 312 4.28 -11.71 3.66
N LYS A 313 4.62 -12.97 3.80
CA LYS A 313 4.74 -13.59 5.09
C LYS A 313 5.94 -13.21 5.87
N ASN A 314 7.05 -13.06 5.15
CA ASN A 314 8.30 -12.68 5.72
C ASN A 314 9.02 -11.60 4.91
N LEU A 315 9.04 -10.40 5.44
CA LEU A 315 9.55 -9.24 4.72
C LEU A 315 11.04 -9.37 4.39
N ARG A 316 11.84 -9.78 5.37
CA ARG A 316 13.28 -9.90 5.17
C ARG A 316 13.61 -10.87 4.04
N SER A 317 12.87 -11.97 3.99
CA SER A 317 13.07 -12.98 3.01
C SER A 317 12.67 -12.43 1.60
N THR A 318 11.57 -11.69 1.56
CA THR A 318 11.11 -11.12 0.33
C THR A 318 12.11 -10.10 -0.20
N LEU A 319 12.69 -9.30 0.69
CA LEU A 319 13.72 -8.36 0.33
C LEU A 319 14.98 -9.03 -0.22
N GLN A 320 15.33 -10.20 0.35
CA GLN A 320 16.51 -10.92 -0.11
C GLN A 320 16.23 -11.48 -1.47
N SER A 321 14.99 -11.88 -1.78
CA SER A 321 14.73 -12.38 -3.13
C SER A 321 14.82 -11.25 -4.12
N ILE A 322 14.33 -10.07 -3.71
CA ILE A 322 14.49 -8.84 -4.55
C ILE A 322 15.98 -8.55 -4.85
N LYS A 323 16.82 -8.66 -3.82
CA LYS A 323 18.27 -8.52 -3.97
C LYS A 323 18.90 -9.54 -4.91
N ARG A 324 18.35 -10.74 -4.97
CA ARG A 324 18.82 -11.78 -5.90
C ARG A 324 18.51 -11.36 -7.32
N LEU A 325 17.30 -10.83 -7.54
CA LEU A 325 16.86 -10.41 -8.86
C LEU A 325 17.56 -9.12 -9.33
N LEU A 326 17.83 -8.21 -8.40
CA LEU A 326 18.48 -6.93 -8.77
C LEU A 326 19.97 -7.09 -9.07
N LYS A 327 20.43 -6.33 -10.04
CA LYS A 327 21.87 -6.12 -10.20
C LYS A 327 22.41 -5.41 -8.97
N ALA A 328 23.70 -5.64 -8.72
CA ALA A 328 24.41 -4.79 -7.80
C ALA A 328 24.19 -3.34 -8.18
N ASN A 329 24.00 -2.49 -7.16
CA ASN A 329 23.65 -1.07 -7.35
C ASN A 329 22.36 -0.82 -8.21
N GLY A 330 21.47 -1.85 -8.24
CA GLY A 330 20.12 -1.69 -8.79
C GLY A 330 19.24 -1.08 -7.67
N TRP A 331 18.17 -0.45 -8.10
CA TRP A 331 17.25 0.21 -7.12
C TRP A 331 15.98 -0.59 -6.84
N LEU A 332 15.56 -0.56 -5.57
CA LEU A 332 14.20 -0.87 -5.20
C LEU A 332 13.44 0.43 -5.00
N VAL A 333 12.31 0.56 -5.68
CA VAL A 333 11.47 1.75 -5.55
C VAL A 333 10.15 1.27 -4.95
N LEU A 334 9.85 1.76 -3.76
CA LEU A 334 8.60 1.43 -3.07
C LEU A 334 7.66 2.64 -3.01
N ASN A 335 6.37 2.38 -3.25
CA ASN A 335 5.32 3.29 -2.87
C ASN A 335 4.48 2.56 -1.84
N GLU A 336 4.48 3.06 -0.63
CA GLU A 336 3.90 2.37 0.50
C GLU A 336 3.09 3.29 1.43
N MET A 337 2.08 2.72 2.06
CA MET A 337 1.34 3.43 3.08
C MET A 337 2.15 3.23 4.37
N THR A 338 2.43 4.35 5.06
CA THR A 338 3.36 4.38 6.17
C THR A 338 2.77 4.75 7.55
N ARG A 339 1.44 4.69 7.67
CA ARG A 339 0.72 4.90 8.91
C ARG A 339 -0.49 3.98 8.82
N VAL A 340 -0.84 3.33 9.96
CA VAL A 340 -1.94 2.40 9.99
C VAL A 340 -3.24 3.24 10.13
N VAL A 341 -3.55 4.02 9.14
CA VAL A 341 -4.82 4.82 9.17
C VAL A 341 -6.09 3.95 9.23
N HIS A 342 -7.13 4.49 9.91
CA HIS A 342 -8.37 3.74 10.13
C HIS A 342 -9.05 3.42 8.80
N PHE A 343 -8.88 4.31 7.84
CA PHE A 343 -9.41 4.07 6.51
C PHE A 343 -8.94 2.77 5.96
N LEU A 344 -7.65 2.49 6.11
CA LEU A 344 -7.12 1.23 5.64
C LEU A 344 -7.57 0.03 6.46
N THR A 345 -7.52 0.17 7.79
CA THR A 345 -7.96 -0.95 8.62
C THR A 345 -9.38 -1.40 8.23
N LEU A 346 -10.26 -0.45 8.01
CA LEU A 346 -11.67 -0.78 7.70
C LEU A 346 -11.88 -1.40 6.32
N SER A 347 -11.02 -1.03 5.34
CA SER A 347 -11.12 -1.41 3.96
C SER A 347 -10.13 -2.50 3.59
N ALA A 348 -8.85 -2.12 3.47
CA ALA A 348 -7.75 -3.08 3.18
C ALA A 348 -7.68 -4.17 4.25
N GLY A 349 -8.07 -3.86 5.49
CA GLY A 349 -8.13 -4.87 6.59
C GLY A 349 -9.04 -6.06 6.45
N LEU A 350 -9.96 -5.97 5.48
CA LEU A 350 -10.84 -7.03 5.17
C LEU A 350 -10.14 -8.06 4.23
N LEU A 351 -8.97 -7.75 3.69
CA LEU A 351 -8.35 -8.60 2.64
C LEU A 351 -7.27 -9.50 3.21
N ASP A 352 -7.08 -10.66 2.60
CA ASP A 352 -6.08 -11.63 3.09
C ASP A 352 -4.68 -11.09 3.10
N GLY A 353 -4.35 -10.31 2.07
CA GLY A 353 -3.01 -9.72 1.93
C GLY A 353 -2.58 -8.87 3.12
N TRP A 354 -3.55 -8.16 3.71
CA TRP A 354 -3.29 -7.35 4.93
C TRP A 354 -2.77 -8.20 6.09
N TRP A 355 -3.30 -9.43 6.22
CA TRP A 355 -3.06 -10.23 7.43
C TRP A 355 -2.05 -11.39 7.20
N LEU A 356 -1.38 -11.34 6.04
CA LEU A 356 -0.52 -12.47 5.59
C LEU A 356 0.71 -12.56 6.46
N PHE A 357 1.17 -11.42 6.96
CA PHE A 357 2.40 -11.34 7.69
C PHE A 357 2.53 -12.33 8.86
N GLU A 358 3.72 -12.92 9.00
CA GLU A 358 4.13 -13.86 10.04
C GLU A 358 5.30 -13.35 10.87
N ASP A 359 5.63 -12.08 10.69
CA ASP A 359 6.71 -11.37 11.33
C ASP A 359 6.13 -10.08 11.85
N ALA A 360 5.21 -10.17 12.81
CA ALA A 360 4.59 -8.99 13.41
C ALA A 360 5.50 -8.00 13.98
N ALA A 361 6.63 -8.40 14.60
CA ALA A 361 7.53 -7.43 15.19
C ALA A 361 8.22 -6.55 14.18
N GLU A 362 8.20 -6.90 12.93
CA GLU A 362 8.78 -5.99 11.93
C GLU A 362 7.77 -4.92 11.46
N ARG A 363 6.51 -5.07 11.85
CA ARG A 363 5.39 -4.26 11.28
C ARG A 363 4.77 -3.34 12.30
N MET A 364 4.02 -2.34 11.88
CA MET A 364 3.20 -1.55 12.79
C MET A 364 2.03 -2.42 13.26
N LYS A 365 1.56 -2.19 14.46
CA LYS A 365 0.62 -3.11 15.08
C LYS A 365 -0.67 -3.22 14.30
N TRP A 366 -1.17 -4.45 14.15
CA TRP A 366 -2.40 -4.76 13.43
C TRP A 366 -2.38 -4.36 12.00
N SER A 367 -1.24 -4.63 11.36
CA SER A 367 -1.00 -4.19 10.03
C SER A 367 0.19 -4.90 9.42
N PRO A 368 0.26 -4.92 8.10
CA PRO A 368 1.46 -5.36 7.44
C PRO A 368 2.41 -4.22 7.13
N LEU A 369 2.13 -3.02 7.62
CA LEU A 369 2.80 -1.81 7.14
C LEU A 369 3.99 -1.39 7.96
N LEU A 370 4.89 -0.61 7.36
CA LEU A 370 5.99 0.00 8.03
C LEU A 370 6.01 1.47 7.87
N SER A 371 6.43 2.21 8.89
CA SER A 371 6.62 3.62 8.75
C SER A 371 7.90 3.93 7.92
N SER A 372 8.13 5.19 7.53
CA SER A 372 9.33 5.47 6.76
C SER A 372 10.59 5.11 7.56
N PRO A 373 10.67 5.55 8.84
CA PRO A 373 11.89 5.17 9.61
C PRO A 373 12.05 3.69 9.74
N MET A 374 10.98 2.95 9.93
CA MET A 374 11.06 1.49 9.95
C MET A 374 11.53 0.85 8.63
N TRP A 375 11.04 1.35 7.51
CA TRP A 375 11.52 0.86 6.19
C TRP A 375 13.00 1.19 6.00
N LYS A 376 13.41 2.37 6.44
CA LYS A 376 14.83 2.79 6.32
C LYS A 376 15.70 1.82 7.08
N GLY A 377 15.37 1.59 8.35
CA GLY A 377 16.18 0.68 9.21
C GLY A 377 16.17 -0.72 8.71
N LEU A 378 15.00 -1.21 8.32
CA LEU A 378 14.98 -2.56 7.79
C LEU A 378 15.78 -2.77 6.48
N LEU A 379 15.65 -1.84 5.54
CA LEU A 379 16.27 -2.02 4.24
C LEU A 379 17.81 -1.96 4.50
N GLU A 380 18.21 -1.01 5.34
CA GLU A 380 19.69 -0.99 5.76
C GLU A 380 20.17 -2.28 6.35
N GLU A 381 19.42 -2.87 7.26
CA GLU A 381 19.80 -4.16 7.81
C GLU A 381 19.91 -5.24 6.80
N GLU A 382 19.08 -5.18 5.76
CA GLU A 382 19.09 -6.18 4.70
C GLU A 382 20.11 -5.89 3.62
N GLY A 383 20.93 -4.86 3.83
CA GLY A 383 22.03 -4.57 2.92
C GLY A 383 21.73 -3.68 1.73
N PHE A 384 20.71 -2.81 1.84
CA PHE A 384 20.62 -1.74 0.91
C PHE A 384 21.35 -0.54 1.50
N ARG A 385 21.78 0.37 0.63
CA ARG A 385 22.42 1.64 0.99
C ARG A 385 21.72 2.85 0.40
N ARG A 386 22.11 4.03 0.84
CA ARG A 386 21.54 5.27 0.34
C ARG A 386 20.04 5.26 0.51
N VAL A 387 19.56 4.49 1.46
CA VAL A 387 18.13 4.35 1.63
C VAL A 387 17.48 5.70 1.86
N ALA A 388 16.54 6.03 1.01
CA ALA A 388 15.92 7.35 0.98
C ALA A 388 14.40 7.35 0.94
N PRO A 389 13.76 7.38 2.12
CA PRO A 389 12.39 7.73 2.17
C PRO A 389 12.34 9.20 1.83
N LEU A 390 11.54 9.57 0.87
CA LEU A 390 11.56 10.96 0.40
C LEU A 390 10.98 11.88 1.51
N GLN A 391 11.36 13.15 1.50
CA GLN A 391 10.98 14.07 2.59
C GLN A 391 9.73 14.81 2.17
N HIS A 392 8.78 14.92 3.10
CA HIS A 392 7.55 15.66 2.90
C HIS A 392 7.21 16.46 4.11
N SER A 393 8.12 17.39 4.44
CA SER A 393 7.90 18.20 5.68
C SER A 393 8.09 19.70 5.45
N ASP A 394 7.27 20.46 6.16
CA ASP A 394 7.30 21.90 6.05
C ASP A 394 7.16 22.47 7.46
N GLY A 395 8.31 22.75 8.06
CA GLY A 395 8.36 23.13 9.47
C GLY A 395 7.88 22.04 10.40
N THR A 396 6.86 22.32 11.20
CA THR A 396 6.31 21.32 12.08
C THR A 396 5.31 20.40 11.36
N SER A 397 4.98 20.62 10.10
CA SER A 397 4.00 19.73 9.47
C SER A 397 4.74 18.75 8.61
N SER A 398 4.19 17.54 8.50
CA SER A 398 4.76 16.60 7.58
C SER A 398 3.69 15.55 7.18
N TRP A 399 3.88 15.00 5.97
CA TRP A 399 2.99 13.93 5.47
C TRP A 399 3.58 12.60 5.90
N SER A 400 2.86 11.89 6.73
CA SER A 400 3.30 10.58 7.19
C SER A 400 2.47 9.42 6.74
N ILE A 401 1.38 9.65 6.01
CA ILE A 401 0.44 8.61 5.66
C ILE A 401 0.97 7.67 4.58
N GLN A 402 1.83 8.18 3.76
CA GLN A 402 2.35 7.52 2.57
C GLN A 402 3.70 8.11 2.20
N ASN A 403 4.51 7.26 1.59
CA ASN A 403 5.81 7.72 1.07
C ASN A 403 6.32 6.90 -0.09
N VAL A 404 7.19 7.50 -0.90
CA VAL A 404 8.04 6.74 -1.82
C VAL A 404 9.44 6.59 -1.17
N ILE A 405 9.95 5.38 -1.21
CA ILE A 405 11.22 4.97 -0.58
C ILE A 405 12.11 4.37 -1.63
N LEU A 406 13.32 4.90 -1.78
CA LEU A 406 14.33 4.44 -2.73
C LEU A 406 15.48 3.77 -1.98
N ALA A 407 16.00 2.68 -2.52
CA ALA A 407 17.09 1.98 -1.85
C ALA A 407 17.99 1.31 -2.93
N GLU A 408 19.30 1.32 -2.66
CA GLU A 408 20.32 0.81 -3.60
C GLU A 408 20.84 -0.51 -3.07
N SER A 409 20.80 -1.50 -3.91
CA SER A 409 21.23 -2.81 -3.48
C SER A 409 22.75 -2.89 -3.50
N ASP A 410 23.31 -3.52 -2.47
CA ASP A 410 24.75 -3.74 -2.41
C ASP A 410 25.16 -4.96 -3.23
N GLY A 411 24.19 -5.64 -3.83
CA GLY A 411 24.52 -6.83 -4.64
C GLY A 411 24.77 -8.12 -3.85
N VAL A 412 24.49 -8.12 -2.55
CA VAL A 412 24.55 -9.37 -1.72
C VAL A 412 23.17 -9.95 -1.35
N SER A 413 22.98 -11.25 -1.59
CA SER A 413 21.66 -11.88 -1.43
C SER A 413 21.88 -13.20 -0.72
N ARG A 414 21.10 -13.48 0.34
CA ARG A 414 21.03 -14.82 1.00
C ARG A 414 20.07 -15.77 0.31
#